data_4H3E
#
_entry.id   4H3E
#
_cell.length_a   47.650
_cell.length_b   75.680
_cell.length_c   117.450
_cell.angle_alpha   90.000
_cell.angle_beta   90.000
_cell.angle_gamma   90.000
#
_symmetry.space_group_name_H-M   'P 21 21 21'
#
loop_
_entity.id
_entity.type
_entity.pdbx_description
1 polymer 'Superoxide dismutase'
2 non-polymer 'FE (II) ION'
3 water water
#
_entity_poly.entity_id   1
_entity_poly.type   'polypeptide(L)'
_entity_poly.pdbx_seq_one_letter_code
;MAHHHHHHMLRRAVNISIARGRMALMSYATLPDLLKPSGAPAELPKLGFNWKDGCAPVFSPRQMELHYTKHHKAYVDKLN
ALAGTTYDGKSIEEIILAVANDAEKKGLFNQAAQHFNHTFYFRCITPNGKAMPKSFESAVTAQFGSVEQFKDAFVQAGVN
NFGSGWTWLCVDPSNKNQLVIDNTSNAGCPLTKGLRPVLAVDVWEHAYYKDFENRRPDYLKEIWSVIDWEFVAKMHAQAI
K
;
_entity_poly.pdbx_strand_id   A,B
#
# COMPACT_ATOMS: atom_id res chain seq x y z
N TYR A 28 -4.17 16.02 -24.41
CA TYR A 28 -3.90 14.66 -25.03
C TYR A 28 -4.63 13.62 -24.19
N ALA A 29 -5.17 12.59 -24.81
CA ALA A 29 -5.69 11.45 -24.03
C ALA A 29 -4.89 10.19 -24.37
N THR A 30 -4.43 9.47 -23.34
CA THR A 30 -3.77 8.20 -23.56
C THR A 30 -4.77 7.17 -24.06
N LEU A 31 -5.95 7.11 -23.44
CA LEU A 31 -6.94 6.11 -23.74
C LEU A 31 -8.28 6.78 -24.08
N PRO A 32 -8.37 7.37 -25.29
CA PRO A 32 -9.58 8.12 -25.63
C PRO A 32 -10.89 7.31 -25.64
N ASP A 33 -10.78 5.99 -25.71
CA ASP A 33 -11.98 5.14 -25.73
C ASP A 33 -12.36 4.66 -24.36
N LEU A 34 -11.68 5.14 -23.33
CA LEU A 34 -12.05 4.82 -21.94
C LEU A 34 -12.83 5.97 -21.34
N LEU A 35 -14.15 5.78 -21.27
CA LEU A 35 -15.12 6.83 -20.98
C LEU A 35 -16.06 6.47 -19.85
N LYS A 36 -16.70 7.50 -19.31
CA LYS A 36 -17.94 7.36 -18.56
C LYS A 36 -19.13 7.58 -19.50
N PRO A 37 -19.88 6.50 -19.82
CA PRO A 37 -20.97 6.69 -20.76
C PRO A 37 -22.07 7.62 -20.21
N SER A 38 -22.81 8.24 -21.12
CA SER A 38 -24.01 9.02 -20.77
C SER A 38 -25.13 8.09 -20.40
N GLY A 39 -25.69 8.23 -19.21
CA GLY A 39 -26.86 7.45 -18.85
C GLY A 39 -26.62 5.99 -18.55
N ALA A 40 -25.37 5.53 -18.56
CA ALA A 40 -25.08 4.15 -18.22
C ALA A 40 -23.74 4.05 -17.49
N PRO A 41 -23.56 2.98 -16.70
CA PRO A 41 -22.33 2.83 -15.94
C PRO A 41 -21.12 2.61 -16.82
N ALA A 42 -19.96 3.10 -16.38
CA ALA A 42 -18.70 2.71 -17.00
C ALA A 42 -18.52 1.21 -16.78
N GLU A 43 -18.13 0.47 -17.84
CA GLU A 43 -17.95 -0.98 -17.74
C GLU A 43 -16.51 -1.31 -17.39
N LEU A 44 -16.34 -2.48 -16.81
CA LEU A 44 -15.01 -3.03 -16.57
C LEU A 44 -14.45 -3.46 -17.94
N PRO A 45 -13.39 -2.81 -18.43
CA PRO A 45 -12.87 -3.14 -19.75
C PRO A 45 -12.47 -4.60 -19.93
N LYS A 46 -12.76 -5.15 -21.10
CA LYS A 46 -12.44 -6.53 -21.45
C LYS A 46 -10.94 -6.67 -21.71
N LEU A 47 -10.34 -7.71 -21.11
CA LEU A 47 -8.90 -7.97 -21.25
C LEU A 47 -8.57 -8.50 -22.62
N GLY A 48 -7.33 -8.30 -23.06
CA GLY A 48 -6.85 -8.86 -24.32
C GLY A 48 -6.61 -10.36 -24.23
N PHE A 49 -6.70 -10.90 -23.04
CA PHE A 49 -6.49 -12.32 -22.85
C PHE A 49 -7.54 -12.80 -21.85
N ASN A 50 -7.67 -14.10 -21.72
CA ASN A 50 -8.62 -14.71 -20.81
C ASN A 50 -7.98 -14.91 -19.42
N TRP A 51 -8.50 -14.23 -18.42
CA TRP A 51 -7.91 -14.30 -17.07
C TRP A 51 -8.02 -15.68 -16.41
N LYS A 52 -8.90 -16.52 -16.92
CA LYS A 52 -9.04 -17.88 -16.40
C LYS A 52 -7.84 -18.71 -16.73
N ASP A 53 -7.07 -18.31 -17.74
CA ASP A 53 -5.79 -18.97 -18.02
C ASP A 53 -4.63 -18.22 -17.39
N GLY A 54 -4.93 -17.31 -16.45
CA GLY A 54 -3.89 -16.44 -15.86
C GLY A 54 -3.24 -15.58 -16.94
N CYS A 55 -1.96 -15.25 -16.75
CA CYS A 55 -1.18 -14.60 -17.84
C CYS A 55 0.23 -15.19 -17.82
N ALA A 56 0.36 -16.31 -18.52
CA ALA A 56 1.53 -17.16 -18.43
C ALA A 56 2.72 -16.50 -19.13
N PRO A 57 3.96 -16.79 -18.67
CA PRO A 57 4.35 -17.76 -17.63
C PRO A 57 4.44 -17.14 -16.25
N VAL A 58 3.97 -15.91 -16.08
CA VAL A 58 4.23 -15.17 -14.86
C VAL A 58 3.11 -15.21 -13.81
N PHE A 59 1.85 -15.16 -14.23
CA PHE A 59 0.72 -15.03 -13.32
C PHE A 59 -0.25 -16.20 -13.37
N SER A 60 -0.77 -16.56 -12.23
CA SER A 60 -1.73 -17.65 -12.12
C SER A 60 -3.12 -17.14 -12.46
N PRO A 61 -4.04 -18.07 -12.74
CA PRO A 61 -5.43 -17.68 -12.88
C PRO A 61 -5.94 -16.87 -11.70
N ARG A 62 -5.65 -17.33 -10.50
CA ARG A 62 -6.20 -16.73 -9.28
C ARG A 62 -5.66 -15.32 -9.04
N GLN A 63 -4.36 -15.11 -9.24
CA GLN A 63 -3.78 -13.75 -9.19
C GLN A 63 -4.45 -12.80 -10.19
N MET A 64 -4.67 -13.23 -11.43
CA MET A 64 -5.40 -12.39 -12.40
C MET A 64 -6.89 -12.22 -12.01
N GLU A 65 -7.54 -13.29 -11.56
CA GLU A 65 -8.94 -13.24 -11.14
C GLU A 65 -9.15 -12.19 -10.05
N LEU A 66 -8.33 -12.25 -9.00
CA LEU A 66 -8.42 -11.27 -7.92
C LEU A 66 -8.18 -9.88 -8.42
N HIS A 67 -7.12 -9.69 -9.20
CA HIS A 67 -6.68 -8.33 -9.54
C HIS A 67 -7.72 -7.63 -10.44
N TYR A 68 -8.24 -8.37 -11.41
CA TYR A 68 -9.25 -7.87 -12.34
C TYR A 68 -10.67 -7.88 -11.79
N THR A 69 -11.19 -9.07 -11.41
CA THR A 69 -12.61 -9.19 -11.07
C THR A 69 -12.91 -8.76 -9.65
N LYS A 70 -11.90 -8.56 -8.81
CA LYS A 70 -12.14 -7.96 -7.50
C LYS A 70 -11.62 -6.55 -7.40
N HIS A 71 -10.30 -6.35 -7.51
CA HIS A 71 -9.75 -4.99 -7.29
C HIS A 71 -10.25 -4.00 -8.35
N HIS A 72 -10.02 -4.32 -9.61
CA HIS A 72 -10.39 -3.40 -10.68
C HIS A 72 -11.89 -3.22 -10.73
N LYS A 73 -12.64 -4.31 -10.67
CA LYS A 73 -14.10 -4.20 -10.60
C LYS A 73 -14.56 -3.28 -9.48
N ALA A 74 -13.96 -3.40 -8.30
CA ALA A 74 -14.38 -2.56 -7.20
C ALA A 74 -14.13 -1.09 -7.49
N TYR A 75 -13.00 -0.77 -8.14
CA TYR A 75 -12.74 0.61 -8.54
C TYR A 75 -13.81 1.11 -9.53
N VAL A 76 -14.17 0.30 -10.52
CA VAL A 76 -15.23 0.67 -11.48
C VAL A 76 -16.60 0.88 -10.79
N ASP A 77 -16.99 -0.05 -9.94
CA ASP A 77 -18.25 0.05 -9.23
C ASP A 77 -18.31 1.32 -8.37
N LYS A 78 -17.23 1.58 -7.63
CA LYS A 78 -17.23 2.74 -6.75
C LYS A 78 -17.17 4.06 -7.57
N LEU A 79 -16.44 4.02 -8.68
CA LEU A 79 -16.43 5.18 -9.61
C LEU A 79 -17.86 5.54 -10.07
N ASN A 80 -18.59 4.57 -10.58
CA ASN A 80 -19.97 4.78 -10.99
C ASN A 80 -20.85 5.33 -9.85
N ALA A 81 -20.74 4.76 -8.64
CA ALA A 81 -21.52 5.25 -7.52
C ALA A 81 -21.18 6.69 -7.15
N LEU A 82 -19.90 7.05 -7.12
CA LEU A 82 -19.50 8.42 -6.79
C LEU A 82 -19.75 9.42 -7.93
N ALA A 83 -19.67 9.00 -9.18
CA ALA A 83 -19.81 9.94 -10.28
C ALA A 83 -21.27 10.40 -10.55
N GLY A 84 -22.26 9.58 -10.21
CA GLY A 84 -23.64 9.86 -10.66
C GLY A 84 -23.66 10.14 -12.15
N THR A 85 -24.38 11.16 -12.55
CA THR A 85 -24.42 11.59 -13.95
C THR A 85 -23.56 12.83 -14.20
N THR A 86 -22.91 13.34 -13.15
CA THR A 86 -22.12 14.56 -13.26
C THR A 86 -21.04 14.54 -14.32
N TYR A 87 -20.50 13.36 -14.65
CA TYR A 87 -19.34 13.29 -15.55
C TYR A 87 -19.65 12.52 -16.85
N ASP A 88 -20.94 12.41 -17.15
CA ASP A 88 -21.41 11.63 -18.28
C ASP A 88 -20.91 12.19 -19.61
N GLY A 89 -20.33 11.33 -20.47
CA GLY A 89 -19.79 11.76 -21.76
C GLY A 89 -18.33 12.11 -21.69
N LYS A 90 -17.78 12.29 -20.49
CA LYS A 90 -16.35 12.56 -20.28
C LYS A 90 -15.49 11.32 -20.31
N SER A 91 -14.26 11.47 -20.82
CA SER A 91 -13.27 10.40 -20.71
C SER A 91 -12.85 10.27 -19.24
N ILE A 92 -12.40 9.08 -18.89
CA ILE A 92 -11.93 8.85 -17.52
C ILE A 92 -10.76 9.80 -17.21
N GLU A 93 -9.90 10.02 -18.21
CA GLU A 93 -8.79 10.95 -18.05
C GLU A 93 -9.23 12.38 -17.78
N GLU A 94 -10.30 12.81 -18.45
CA GLU A 94 -10.84 14.14 -18.22
C GLU A 94 -11.34 14.25 -16.79
N ILE A 95 -11.97 13.20 -16.26
CA ILE A 95 -12.42 13.21 -14.87
C ILE A 95 -11.25 13.37 -13.92
N ILE A 96 -10.25 12.52 -14.12
CA ILE A 96 -9.06 12.49 -13.28
C ILE A 96 -8.46 13.89 -13.17
N LEU A 97 -8.26 14.53 -14.31
CA LEU A 97 -7.74 15.90 -14.35
C LEU A 97 -8.68 16.91 -13.69
N ALA A 98 -9.96 16.86 -14.04
CA ALA A 98 -10.92 17.73 -13.42
C ALA A 98 -10.89 17.64 -11.89
N VAL A 99 -10.66 16.47 -11.32
CA VAL A 99 -10.73 16.40 -9.84
C VAL A 99 -9.40 16.20 -9.11
N ALA A 100 -8.30 16.32 -9.83
CA ALA A 100 -6.97 15.99 -9.27
C ALA A 100 -6.58 16.79 -8.02
N ASN A 101 -6.99 18.02 -7.92
CA ASN A 101 -6.59 18.76 -6.73
C ASN A 101 -7.81 19.27 -6.00
N ASP A 102 -8.86 18.47 -5.99
CA ASP A 102 -10.10 18.84 -5.41
C ASP A 102 -10.33 17.94 -4.20
N ALA A 103 -10.04 18.47 -3.00
CA ALA A 103 -10.20 17.75 -1.76
C ALA A 103 -11.64 17.38 -1.47
N GLU A 104 -12.61 18.06 -2.06
CA GLU A 104 -14.02 17.60 -1.94
C GLU A 104 -14.28 16.26 -2.66
N LYS A 105 -13.40 15.84 -3.55
CA LYS A 105 -13.65 14.71 -4.45
C LYS A 105 -12.44 13.76 -4.52
N LYS A 106 -11.70 13.66 -3.44
CA LYS A 106 -10.54 12.75 -3.42
C LYS A 106 -10.99 11.31 -3.67
N GLY A 107 -12.12 10.93 -3.07
CA GLY A 107 -12.70 9.58 -3.24
C GLY A 107 -12.92 9.26 -4.70
N LEU A 108 -13.60 10.18 -5.40
CA LEU A 108 -13.82 10.05 -6.83
C LEU A 108 -12.49 10.02 -7.62
N PHE A 109 -11.55 10.91 -7.31
CA PHE A 109 -10.22 10.86 -7.95
C PHE A 109 -9.60 9.48 -7.80
N ASN A 110 -9.58 8.95 -6.58
CA ASN A 110 -8.93 7.65 -6.34
C ASN A 110 -9.50 6.53 -7.23
N GLN A 111 -10.83 6.45 -7.36
CA GLN A 111 -11.45 5.40 -8.15
C GLN A 111 -11.21 5.62 -9.66
N ALA A 112 -11.35 6.85 -10.12
CA ALA A 112 -11.20 7.17 -11.50
C ALA A 112 -9.74 6.94 -11.91
N ALA A 113 -8.80 7.44 -11.11
CA ALA A 113 -7.39 7.23 -11.43
C ALA A 113 -7.01 5.75 -11.37
N GLN A 114 -7.46 5.04 -10.35
CA GLN A 114 -7.19 3.56 -10.29
C GLN A 114 -7.82 2.78 -11.50
N HIS A 115 -9.01 3.17 -11.94
CA HIS A 115 -9.66 2.57 -13.11
C HIS A 115 -8.76 2.70 -14.34
N PHE A 116 -8.31 3.94 -14.59
CA PHE A 116 -7.37 4.20 -15.67
C PHE A 116 -6.09 3.41 -15.48
N ASN A 117 -5.48 3.52 -14.29
CA ASN A 117 -4.20 2.85 -14.03
C ASN A 117 -4.28 1.34 -14.31
N HIS A 118 -5.36 0.71 -13.85
CA HIS A 118 -5.52 -0.71 -14.02
C HIS A 118 -5.79 -1.07 -15.48
N THR A 119 -6.62 -0.29 -16.15
CA THR A 119 -6.97 -0.56 -17.55
C THR A 119 -5.67 -0.52 -18.36
N PHE A 120 -4.85 0.49 -18.08
CA PHE A 120 -3.59 0.68 -18.77
C PHE A 120 -2.62 -0.48 -18.48
N TYR A 121 -2.44 -0.77 -17.19
CA TYR A 121 -1.60 -1.85 -16.74
C TYR A 121 -1.99 -3.19 -17.42
N PHE A 122 -3.26 -3.59 -17.37
CA PHE A 122 -3.66 -4.85 -17.97
C PHE A 122 -3.43 -4.92 -19.49
N ARG A 123 -3.41 -3.77 -20.16
CA ARG A 123 -3.01 -3.70 -21.59
C ARG A 123 -1.50 -3.77 -21.81
N CYS A 124 -0.74 -3.52 -20.76
CA CYS A 124 0.72 -3.62 -20.82
C CYS A 124 1.15 -5.07 -20.68
N ILE A 125 0.23 -6.00 -20.38
CA ILE A 125 0.59 -7.40 -20.26
C ILE A 125 -0.24 -8.33 -21.17
N THR A 126 0.37 -9.45 -21.56
CA THR A 126 -0.24 -10.41 -22.45
C THR A 126 0.50 -11.73 -22.32
N PRO A 127 -0.21 -12.88 -22.40
CA PRO A 127 0.50 -14.18 -22.25
C PRO A 127 1.74 -14.24 -23.12
N ASN A 128 2.88 -14.59 -22.52
CA ASN A 128 4.15 -14.74 -23.26
C ASN A 128 4.73 -13.47 -23.88
N GLY A 129 4.14 -12.32 -23.56
CA GLY A 129 4.63 -11.05 -24.06
C GLY A 129 4.57 -10.85 -25.58
N LYS A 130 5.01 -9.67 -26.01
CA LYS A 130 5.31 -9.41 -27.40
C LYS A 130 6.59 -8.61 -27.49
N ALA A 131 7.45 -8.96 -28.45
CA ALA A 131 8.73 -8.29 -28.66
C ALA A 131 8.63 -6.77 -28.93
N MET A 132 9.65 -6.05 -28.44
CA MET A 132 9.79 -4.63 -28.74
C MET A 132 9.90 -4.43 -30.21
N PRO A 133 9.03 -3.60 -30.79
CA PRO A 133 9.37 -3.21 -32.16
C PRO A 133 10.69 -2.46 -32.18
N LYS A 134 11.39 -2.51 -33.31
CA LYS A 134 12.74 -1.92 -33.44
C LYS A 134 12.69 -0.45 -33.17
N SER A 135 11.63 0.19 -33.60
CA SER A 135 11.55 1.63 -33.44
C SER A 135 11.50 2.03 -31.96
N PHE A 136 10.74 1.29 -31.15
CA PHE A 136 10.64 1.61 -29.71
C PHE A 136 11.94 1.23 -29.01
N GLU A 137 12.49 0.07 -29.37
CA GLU A 137 13.76 -0.37 -28.80
C GLU A 137 14.86 0.68 -28.97
N SER A 138 14.86 1.31 -30.15
CA SER A 138 15.84 2.35 -30.44
C SER A 138 15.65 3.58 -29.57
N ALA A 139 14.41 3.93 -29.26
CA ALA A 139 14.15 5.07 -28.38
C ALA A 139 14.56 4.83 -26.92
N VAL A 140 14.36 3.60 -26.45
CA VAL A 140 14.86 3.17 -25.12
C VAL A 140 16.38 3.16 -25.10
N THR A 141 16.99 2.64 -26.18
CA THR A 141 18.43 2.53 -26.24
C THR A 141 19.04 3.92 -26.25
N ALA A 142 18.49 4.80 -27.08
CA ALA A 142 19.00 6.18 -27.15
C ALA A 142 18.98 6.85 -25.79
N GLN A 143 17.90 6.66 -25.04
CA GLN A 143 17.67 7.39 -23.79
C GLN A 143 18.37 6.80 -22.60
N PHE A 144 18.33 5.48 -22.46
CA PHE A 144 18.87 4.78 -21.28
C PHE A 144 20.18 4.06 -21.56
N GLY A 145 20.64 4.07 -22.82
CA GLY A 145 21.93 3.45 -23.15
C GLY A 145 21.73 2.06 -23.70
N SER A 146 20.90 1.26 -23.03
CA SER A 146 20.53 -0.05 -23.53
C SER A 146 19.21 -0.45 -22.88
N VAL A 147 18.56 -1.44 -23.47
CA VAL A 147 17.33 -1.99 -22.89
C VAL A 147 17.60 -2.50 -21.46
N GLU A 148 18.70 -3.24 -21.29
CA GLU A 148 19.01 -3.78 -19.99
C GLU A 148 19.16 -2.70 -18.90
N GLN A 149 19.80 -1.58 -19.26
CA GLN A 149 19.97 -0.47 -18.34
C GLN A 149 18.64 0.16 -17.98
N PHE A 150 17.76 0.30 -18.98
CA PHE A 150 16.45 0.73 -18.72
C PHE A 150 15.72 -0.22 -17.75
N LYS A 151 15.75 -1.53 -18.02
CA LYS A 151 15.04 -2.49 -17.15
C LYS A 151 15.57 -2.46 -15.73
N ASP A 152 16.88 -2.44 -15.57
CA ASP A 152 17.49 -2.42 -14.22
C ASP A 152 17.09 -1.18 -13.45
N ALA A 153 17.08 -0.01 -14.10
CA ALA A 153 16.64 1.23 -13.45
C ALA A 153 15.15 1.18 -13.09
N PHE A 154 14.34 0.56 -13.96
CA PHE A 154 12.90 0.51 -13.76
C PHE A 154 12.62 -0.41 -12.57
N VAL A 155 13.30 -1.55 -12.52
CA VAL A 155 13.18 -2.44 -11.37
C VAL A 155 13.60 -1.75 -10.07
N GLN A 156 14.70 -1.03 -10.07
CA GLN A 156 15.11 -0.29 -8.87
C GLN A 156 14.01 0.67 -8.38
N ALA A 157 13.42 1.43 -9.30
CA ALA A 157 12.36 2.37 -8.94
C ALA A 157 11.16 1.61 -8.35
N GLY A 158 10.81 0.48 -8.97
CA GLY A 158 9.66 -0.29 -8.51
C GLY A 158 9.89 -0.87 -7.11
N VAL A 159 11.08 -1.42 -6.90
CA VAL A 159 11.43 -1.96 -5.59
C VAL A 159 11.36 -0.92 -4.50
N ASN A 160 11.79 0.30 -4.81
CA ASN A 160 11.90 1.33 -3.77
C ASN A 160 10.72 2.30 -3.76
N ASN A 161 9.66 1.94 -4.48
CA ASN A 161 8.43 2.70 -4.45
C ASN A 161 7.70 2.36 -3.16
N PHE A 162 7.85 3.23 -2.16
CA PHE A 162 7.42 2.88 -0.81
C PHE A 162 5.90 2.85 -0.64
N GLY A 163 5.39 1.75 -0.07
CA GLY A 163 3.96 1.53 0.10
C GLY A 163 3.28 1.11 -1.19
N SER A 164 2.00 1.46 -1.35
CA SER A 164 1.25 1.11 -2.55
C SER A 164 1.56 2.10 -3.63
N GLY A 165 1.53 1.66 -4.88
CA GLY A 165 1.73 2.61 -5.96
C GLY A 165 1.95 1.98 -7.33
N TRP A 166 2.53 2.78 -8.23
CA TRP A 166 2.73 2.40 -9.62
C TRP A 166 4.11 2.90 -10.04
N THR A 167 4.82 2.11 -10.85
CA THR A 167 6.06 2.58 -11.48
C THR A 167 5.82 2.65 -12.97
N TRP A 168 6.21 3.78 -13.57
CA TRP A 168 5.85 4.12 -14.96
C TRP A 168 7.06 4.47 -15.80
N LEU A 169 6.95 4.20 -17.11
CA LEU A 169 7.80 4.82 -18.11
C LEU A 169 6.91 5.78 -18.88
N CYS A 170 7.28 7.06 -18.93
CA CYS A 170 6.46 8.11 -19.56
C CYS A 170 7.27 8.90 -20.54
N VAL A 171 6.55 9.53 -21.46
CA VAL A 171 7.09 10.58 -22.30
C VAL A 171 6.82 11.89 -21.58
N ASP A 172 7.80 12.77 -21.59
CA ASP A 172 7.65 14.09 -21.02
C ASP A 172 7.65 15.16 -22.09
N PRO A 173 6.47 15.67 -22.45
CA PRO A 173 6.41 16.70 -23.49
C PRO A 173 7.09 18.01 -23.09
N SER A 174 7.14 18.31 -21.80
CA SER A 174 7.81 19.55 -21.39
C SER A 174 9.35 19.44 -21.43
N ASN A 175 9.89 18.29 -21.85
CA ASN A 175 11.32 18.05 -21.88
C ASN A 175 11.74 17.31 -23.14
N LYS A 176 11.38 17.90 -24.27
CA LYS A 176 11.69 17.33 -25.59
C LYS A 176 11.26 15.87 -25.72
N ASN A 177 10.12 15.52 -25.15
CA ASN A 177 9.57 14.15 -25.26
C ASN A 177 10.49 13.03 -24.74
N GLN A 178 11.42 13.36 -23.84
CA GLN A 178 12.30 12.37 -23.22
C GLN A 178 11.49 11.29 -22.54
N LEU A 179 11.95 10.06 -22.63
CA LEU A 179 11.39 8.97 -21.83
C LEU A 179 11.90 9.10 -20.40
N VAL A 180 11.01 8.94 -19.44
CA VAL A 180 11.37 9.13 -18.05
C VAL A 180 10.68 8.10 -17.17
N ILE A 181 11.38 7.57 -16.18
CA ILE A 181 10.80 6.67 -15.21
C ILE A 181 10.22 7.54 -14.10
N ASP A 182 8.99 7.20 -13.70
CA ASP A 182 8.23 8.00 -12.71
C ASP A 182 7.50 7.04 -11.77
N ASN A 183 7.64 7.30 -10.47
CA ASN A 183 6.94 6.60 -9.45
C ASN A 183 5.76 7.44 -8.97
N THR A 184 4.57 6.83 -8.85
CA THR A 184 3.43 7.44 -8.15
C THR A 184 3.00 6.56 -6.97
N SER A 185 2.36 7.23 -6.00
CA SER A 185 1.88 6.64 -4.77
C SER A 185 0.39 6.50 -4.84
N ASN A 186 -0.11 5.33 -4.41
CA ASN A 186 -1.54 5.08 -4.28
C ASN A 186 -2.28 5.12 -5.61
N ALA A 187 -3.16 6.11 -5.83
CA ALA A 187 -3.84 6.27 -7.13
C ALA A 187 -3.15 7.25 -8.07
N GLY A 188 -2.01 7.78 -7.65
CA GLY A 188 -1.30 8.81 -8.38
C GLY A 188 -1.12 8.45 -9.85
N CYS A 189 -1.39 9.44 -10.71
CA CYS A 189 -1.53 9.19 -12.12
C CYS A 189 -0.77 10.30 -12.89
N PRO A 190 0.24 9.91 -13.69
CA PRO A 190 1.19 10.82 -14.34
C PRO A 190 0.58 11.98 -15.14
N LEU A 191 -0.60 11.79 -15.73
CA LEU A 191 -1.21 12.84 -16.50
C LEU A 191 -1.44 14.09 -15.66
N THR A 192 -1.64 13.95 -14.36
CA THR A 192 -1.82 15.15 -13.52
C THR A 192 -0.55 15.98 -13.47
N LYS A 193 0.61 15.43 -13.80
CA LYS A 193 1.73 16.36 -13.99
C LYS A 193 2.21 16.48 -15.43
N GLY A 194 1.31 16.24 -16.36
CA GLY A 194 1.57 16.51 -17.75
C GLY A 194 2.29 15.38 -18.49
N LEU A 195 2.66 14.30 -17.78
CA LEU A 195 3.40 13.22 -18.40
C LEU A 195 2.43 12.29 -19.14
N ARG A 196 2.91 11.64 -20.19
CA ARG A 196 2.18 10.68 -21.01
C ARG A 196 2.72 9.23 -20.85
N PRO A 197 2.00 8.40 -20.14
CA PRO A 197 2.50 7.04 -19.86
C PRO A 197 2.61 6.17 -21.10
N VAL A 198 3.68 5.38 -21.19
CA VAL A 198 3.77 4.30 -22.22
C VAL A 198 3.83 2.91 -21.61
N LEU A 199 4.19 2.82 -20.33
CA LEU A 199 4.20 1.56 -19.57
C LEU A 199 3.85 1.80 -18.08
N ALA A 200 3.01 0.92 -17.52
CA ALA A 200 2.74 0.91 -16.08
C ALA A 200 2.97 -0.47 -15.47
N VAL A 201 3.58 -0.48 -14.27
CA VAL A 201 3.64 -1.68 -13.46
C VAL A 201 3.10 -1.36 -12.06
N ASP A 202 2.03 -2.06 -11.69
CA ASP A 202 1.37 -1.93 -10.42
C ASP A 202 2.29 -2.46 -9.33
N VAL A 203 2.59 -1.68 -8.31
CA VAL A 203 3.31 -2.22 -7.14
C VAL A 203 2.49 -2.18 -5.85
N TRP A 204 1.18 -1.97 -5.97
CA TRP A 204 0.30 -2.35 -4.87
C TRP A 204 0.57 -3.80 -4.60
N GLU A 205 0.62 -4.18 -3.34
CA GLU A 205 0.99 -5.57 -2.95
C GLU A 205 0.03 -6.60 -3.53
N HIS A 206 -1.22 -6.22 -3.71
CA HIS A 206 -2.20 -7.13 -4.34
C HIS A 206 -1.89 -7.52 -5.76
N ALA A 207 -1.01 -6.80 -6.44
CA ALA A 207 -0.70 -7.15 -7.83
C ALA A 207 0.14 -8.41 -7.92
N TYR A 208 0.91 -8.68 -6.88
CA TYR A 208 1.85 -9.76 -6.89
C TYR A 208 1.82 -10.73 -5.70
N TYR A 209 1.02 -10.41 -4.66
CA TYR A 209 1.16 -11.12 -3.40
C TYR A 209 0.68 -12.56 -3.51
N LYS A 210 -0.28 -12.82 -4.41
CA LYS A 210 -0.79 -14.18 -4.57
C LYS A 210 0.30 -15.10 -5.15
N ASP A 211 0.99 -14.63 -6.19
CA ASP A 211 1.99 -15.44 -6.88
C ASP A 211 3.41 -15.23 -6.32
N PHE A 212 3.70 -14.09 -5.72
CA PHE A 212 5.03 -13.81 -5.24
C PHE A 212 5.19 -13.58 -3.73
N GLU A 213 4.08 -13.51 -3.01
CA GLU A 213 4.11 -13.15 -1.61
C GLU A 213 4.91 -11.82 -1.45
N ASN A 214 5.87 -11.76 -0.53
CA ASN A 214 6.64 -10.53 -0.30
C ASN A 214 7.68 -10.18 -1.37
N ARG A 215 7.87 -11.04 -2.37
CA ARG A 215 9.02 -10.91 -3.25
C ARG A 215 8.70 -9.98 -4.41
N ARG A 216 8.49 -8.68 -4.09
CA ARG A 216 8.28 -7.68 -5.12
C ARG A 216 9.40 -7.64 -6.15
N PRO A 217 10.66 -7.74 -5.71
CA PRO A 217 11.71 -7.71 -6.72
C PRO A 217 11.64 -8.84 -7.76
N ASP A 218 11.22 -10.05 -7.37
CA ASP A 218 11.09 -11.16 -8.33
C ASP A 218 9.95 -10.88 -9.29
N TYR A 219 8.87 -10.31 -8.77
CA TYR A 219 7.70 -9.90 -9.58
C TYR A 219 8.14 -8.91 -10.64
N LEU A 220 8.89 -7.89 -10.22
CA LEU A 220 9.40 -6.89 -11.19
C LEU A 220 10.34 -7.46 -12.25
N LYS A 221 11.18 -8.43 -11.87
CA LYS A 221 12.12 -9.08 -12.80
C LYS A 221 11.43 -10.01 -13.77
N GLU A 222 10.38 -10.67 -13.30
CA GLU A 222 9.69 -11.69 -14.08
C GLU A 222 8.69 -11.07 -15.05
N ILE A 223 8.08 -9.95 -14.66
CA ILE A 223 6.99 -9.35 -15.48
C ILE A 223 7.42 -8.95 -16.90
N TRP A 224 8.71 -8.68 -17.10
CA TRP A 224 9.25 -8.38 -18.42
C TRP A 224 8.82 -9.41 -19.47
N SER A 225 8.72 -10.66 -19.07
CA SER A 225 8.43 -11.67 -20.06
C SER A 225 6.96 -11.73 -20.43
N VAL A 226 6.09 -10.95 -19.77
CA VAL A 226 4.73 -10.81 -20.27
C VAL A 226 4.37 -9.40 -20.73
N ILE A 227 5.35 -8.50 -20.87
CA ILE A 227 5.02 -7.15 -21.28
C ILE A 227 4.66 -7.19 -22.76
N ASP A 228 3.57 -6.53 -23.09
CA ASP A 228 3.16 -6.32 -24.44
C ASP A 228 3.83 -5.06 -24.98
N TRP A 229 5.03 -5.23 -25.53
CA TRP A 229 5.82 -4.09 -26.01
C TRP A 229 5.21 -3.44 -27.25
N GLU A 230 4.29 -4.14 -27.91
CA GLU A 230 3.59 -3.53 -29.06
C GLU A 230 2.62 -2.46 -28.60
N PHE A 231 1.89 -2.74 -27.54
CA PHE A 231 1.04 -1.72 -26.93
C PHE A 231 1.91 -0.58 -26.41
N VAL A 232 2.98 -0.90 -25.70
CA VAL A 232 3.87 0.15 -25.21
C VAL A 232 4.39 1.03 -26.35
N ALA A 233 4.88 0.39 -27.43
CA ALA A 233 5.36 1.13 -28.61
C ALA A 233 4.31 2.02 -29.23
N LYS A 234 3.08 1.54 -29.40
CA LYS A 234 1.98 2.36 -29.88
C LYS A 234 1.71 3.58 -28.97
N MET A 235 1.70 3.36 -27.65
CA MET A 235 1.51 4.46 -26.71
C MET A 235 2.65 5.47 -26.92
N HIS A 236 3.86 4.97 -27.13
CA HIS A 236 5.01 5.85 -27.33
C HIS A 236 4.89 6.67 -28.60
N ALA A 237 4.58 5.98 -29.71
CA ALA A 237 4.43 6.62 -31.01
C ALA A 237 3.38 7.71 -30.97
N GLN A 238 2.25 7.43 -30.35
CA GLN A 238 1.21 8.44 -30.27
C GLN A 238 1.59 9.58 -29.33
N ALA A 239 2.30 9.28 -28.23
CA ALA A 239 2.66 10.29 -27.24
C ALA A 239 3.64 11.35 -27.79
N ILE A 240 4.50 10.97 -28.75
CA ILE A 240 5.47 11.88 -29.37
C ILE A 240 5.02 12.55 -30.68
N LYS A 241 3.90 12.13 -31.27
CA LYS A 241 3.49 12.61 -32.59
C LYS A 241 3.37 14.13 -32.56
N TYR B 28 6.77 11.58 25.12
CA TYR B 28 6.27 10.35 25.86
C TYR B 28 6.66 9.13 25.03
N ALA B 29 7.11 8.05 25.66
CA ALA B 29 7.48 6.88 24.91
C ALA B 29 6.54 5.72 25.19
N THR B 30 5.92 5.17 24.15
CA THR B 30 5.04 4.00 24.29
C THR B 30 5.86 2.73 24.63
N LEU B 31 6.98 2.54 23.97
CA LEU B 31 7.76 1.33 24.13
C LEU B 31 9.19 1.76 24.46
N PRO B 32 9.44 2.26 25.68
CA PRO B 32 10.77 2.78 26.04
C PRO B 32 11.90 1.75 25.96
N ASP B 33 11.58 0.46 26.00
CA ASP B 33 12.61 -0.56 25.92
C ASP B 33 12.96 -0.95 24.49
N LEU B 34 12.21 -0.40 23.52
CA LEU B 34 12.47 -0.68 22.12
C LEU B 34 13.51 0.37 21.66
N LEU B 35 14.77 -0.08 21.57
CA LEU B 35 15.95 0.76 21.37
C LEU B 35 16.82 0.36 20.19
N LYS B 36 17.65 1.30 19.75
CA LYS B 36 18.80 1.00 18.91
C LYS B 36 20.02 0.83 19.80
N PRO B 37 20.51 -0.40 19.94
CA PRO B 37 21.61 -0.57 20.89
C PRO B 37 22.86 0.13 20.43
N SER B 38 23.73 0.46 21.39
CA SER B 38 25.04 0.97 21.10
CA SER B 38 25.05 0.99 21.07
C SER B 38 25.96 -0.14 20.63
N GLY B 39 26.54 0.02 19.46
CA GLY B 39 27.50 -0.98 18.98
C GLY B 39 26.95 -2.33 18.59
N ALA B 40 25.63 -2.48 18.55
CA ALA B 40 25.05 -3.69 18.03
C ALA B 40 23.75 -3.35 17.31
N PRO B 41 23.35 -4.21 16.35
CA PRO B 41 22.13 -3.98 15.61
C PRO B 41 20.88 -4.06 16.47
N ALA B 42 19.86 -3.26 16.17
CA ALA B 42 18.54 -3.47 16.77
C ALA B 42 18.11 -4.86 16.35
N GLU B 43 17.56 -5.65 17.29
CA GLU B 43 17.07 -7.02 16.97
C GLU B 43 15.61 -7.02 16.60
N LEU B 44 15.20 -8.05 15.87
CA LEU B 44 13.82 -8.30 15.58
C LEU B 44 13.16 -8.77 16.86
N PRO B 45 12.19 -8.01 17.41
CA PRO B 45 11.63 -8.41 18.70
C PRO B 45 10.92 -9.75 18.61
N LYS B 46 11.07 -10.53 19.65
CA LYS B 46 10.39 -11.79 19.77
C LYS B 46 8.92 -11.57 20.01
N LEU B 47 8.14 -12.49 19.46
CA LEU B 47 6.70 -12.58 19.69
C LEU B 47 6.41 -13.31 21.01
N GLY B 48 5.32 -12.95 21.63
CA GLY B 48 4.80 -13.64 22.80
C GLY B 48 4.05 -14.93 22.47
N PHE B 49 3.85 -15.19 21.19
CA PHE B 49 3.25 -16.46 20.74
C PHE B 49 4.11 -17.00 19.67
N ASN B 50 3.91 -18.25 19.35
CA ASN B 50 4.73 -18.91 18.37
C ASN B 50 4.14 -18.76 16.98
N TRP B 51 4.84 -18.07 16.07
CA TRP B 51 4.31 -17.83 14.70
C TRP B 51 4.15 -19.09 13.86
N LYS B 52 4.81 -20.18 14.29
CA LYS B 52 4.70 -21.43 13.57
C LYS B 52 3.33 -22.04 13.74
N ASP B 53 2.63 -21.67 14.82
CA ASP B 53 1.23 -22.06 15.00
C ASP B 53 0.29 -21.02 14.40
N GLY B 54 0.80 -20.08 13.58
CA GLY B 54 0.02 -18.93 13.15
C GLY B 54 -0.42 -18.10 14.33
N CYS B 55 -1.61 -17.50 14.22
CA CYS B 55 -2.24 -16.90 15.40
C CYS B 55 -3.72 -17.22 15.34
N ALA B 56 -4.07 -18.38 15.91
CA ALA B 56 -5.40 -18.96 15.76
C ALA B 56 -6.45 -18.19 16.54
N PRO B 57 -7.70 -18.20 16.07
CA PRO B 57 -8.22 -18.88 14.90
C PRO B 57 -8.11 -18.09 13.61
N VAL B 58 -7.46 -16.95 13.61
CA VAL B 58 -7.57 -16.00 12.50
C VAL B 58 -6.50 -16.10 11.45
N PHE B 59 -5.25 -16.35 11.86
CA PHE B 59 -4.12 -16.30 10.95
C PHE B 59 -3.40 -17.64 10.82
N SER B 60 -2.94 -17.93 9.63
CA SER B 60 -2.22 -19.13 9.33
C SER B 60 -0.75 -18.98 9.70
N PRO B 61 -0.07 -20.10 9.89
CA PRO B 61 1.37 -20.05 10.05
C PRO B 61 2.08 -19.23 8.98
N ARG B 62 1.71 -19.44 7.73
CA ARG B 62 2.37 -18.75 6.62
C ARG B 62 2.12 -17.23 6.60
N GLN B 63 0.89 -16.79 6.81
CA GLN B 63 0.59 -15.36 6.96
C GLN B 63 1.47 -14.73 8.06
N MET B 64 1.59 -15.38 9.23
CA MET B 64 2.43 -14.85 10.31
C MET B 64 3.92 -14.91 9.95
N GLU B 65 4.34 -16.02 9.33
CA GLU B 65 5.73 -16.20 8.92
C GLU B 65 6.16 -15.07 8.00
N LEU B 66 5.37 -14.82 6.95
CA LEU B 66 5.67 -13.76 6.01
C LEU B 66 5.72 -12.40 6.72
N HIS B 67 4.72 -12.10 7.52
CA HIS B 67 4.57 -10.76 8.05
C HIS B 67 5.70 -10.43 9.02
N TYR B 68 6.07 -11.41 9.85
CA TYR B 68 7.12 -11.26 10.85
C TYR B 68 8.51 -11.49 10.31
N THR B 69 8.77 -12.69 9.78
CA THR B 69 10.13 -13.06 9.39
C THR B 69 10.54 -12.51 8.03
N LYS B 70 9.61 -11.96 7.26
CA LYS B 70 9.99 -11.24 6.03
C LYS B 70 9.77 -9.75 6.15
N HIS B 71 8.53 -9.29 6.33
CA HIS B 71 8.28 -7.85 6.30
C HIS B 71 8.94 -7.14 7.51
N HIS B 72 8.66 -7.61 8.70
CA HIS B 72 9.19 -6.95 9.87
C HIS B 72 10.72 -7.05 9.88
N LYS B 73 11.23 -8.26 9.69
CA LYS B 73 12.65 -8.46 9.62
C LYS B 73 13.31 -7.49 8.64
N ALA B 74 12.71 -7.33 7.46
CA ALA B 74 13.31 -6.44 6.48
C ALA B 74 13.34 -4.99 6.99
N TYR B 75 12.29 -4.54 7.67
CA TYR B 75 12.27 -3.18 8.23
C TYR B 75 13.39 -3.03 9.24
N VAL B 76 13.61 -4.03 10.07
CA VAL B 76 14.71 -3.98 11.08
C VAL B 76 16.07 -3.93 10.37
N ASP B 77 16.27 -4.81 9.37
CA ASP B 77 17.53 -4.88 8.66
C ASP B 77 17.84 -3.55 7.95
N LYS B 78 16.84 -2.97 7.28
CA LYS B 78 17.05 -1.72 6.57
C LYS B 78 17.24 -0.56 7.59
N LEU B 79 16.51 -0.60 8.70
CA LEU B 79 16.74 0.39 9.78
C LEU B 79 18.21 0.39 10.24
N ASN B 80 18.74 -0.78 10.58
CA ASN B 80 20.14 -0.88 10.97
C ASN B 80 21.07 -0.34 9.89
N ALA B 81 20.84 -0.69 8.63
CA ALA B 81 21.71 -0.23 7.56
C ALA B 81 21.67 1.30 7.42
N LEU B 82 20.48 1.92 7.49
CA LEU B 82 20.37 3.37 7.36
C LEU B 82 20.82 4.10 8.61
N ALA B 83 20.69 3.50 9.78
CA ALA B 83 21.05 4.21 11.00
C ALA B 83 22.57 4.24 11.27
N GLY B 84 23.32 3.26 10.77
CA GLY B 84 24.72 3.14 11.16
C GLY B 84 24.82 3.25 12.67
N THR B 85 25.78 4.02 13.16
CA THR B 85 25.96 4.23 14.61
C THR B 85 25.42 5.60 15.06
N THR B 86 24.92 6.38 14.10
CA THR B 86 24.43 7.75 14.36
C THR B 86 23.36 7.84 15.45
N TYR B 87 22.53 6.79 15.63
CA TYR B 87 21.41 6.82 16.57
C TYR B 87 21.56 5.82 17.74
N ASP B 88 22.79 5.37 17.99
CA ASP B 88 23.09 4.39 19.03
C ASP B 88 22.74 4.91 20.42
N GLY B 89 22.01 4.10 21.18
CA GLY B 89 21.58 4.48 22.52
C GLY B 89 20.20 5.15 22.56
N LYS B 90 19.70 5.58 21.41
CA LYS B 90 18.36 6.16 21.31
C LYS B 90 17.25 5.11 21.21
N SER B 91 16.08 5.45 21.74
CA SER B 91 14.91 4.66 21.52
C SER B 91 14.45 4.82 20.08
N ILE B 92 13.75 3.79 19.58
CA ILE B 92 13.24 3.82 18.23
C ILE B 92 12.28 5.03 18.08
N GLU B 93 11.49 5.28 19.13
CA GLU B 93 10.57 6.44 19.10
C GLU B 93 11.30 7.76 19.01
N GLU B 94 12.45 7.88 19.69
CA GLU B 94 13.29 9.09 19.59
C GLU B 94 13.75 9.30 18.17
N ILE B 95 14.15 8.21 17.52
CA ILE B 95 14.62 8.30 16.14
C ILE B 95 13.49 8.78 15.20
N ILE B 96 12.33 8.14 15.33
CA ILE B 96 11.15 8.49 14.55
C ILE B 96 10.88 9.99 14.66
N LEU B 97 10.82 10.51 15.88
CA LEU B 97 10.56 11.93 16.10
C LEU B 97 11.70 12.80 15.56
N ALA B 98 12.93 12.45 15.85
CA ALA B 98 14.07 13.18 15.33
C ALA B 98 14.04 13.33 13.81
N VAL B 99 13.61 12.32 13.07
CA VAL B 99 13.69 12.44 11.64
C VAL B 99 12.37 12.63 10.90
N ALA B 100 11.29 12.86 11.65
CA ALA B 100 9.93 12.95 11.08
C ALA B 100 9.84 14.07 10.03
N ASN B 101 10.57 15.17 10.23
CA ASN B 101 10.56 16.31 9.26
C ASN B 101 11.86 16.57 8.52
N ASP B 102 12.60 15.52 8.27
CA ASP B 102 13.89 15.61 7.63
C ASP B 102 13.71 14.91 6.31
N ALA B 103 13.53 15.70 5.25
CA ALA B 103 13.36 15.17 3.91
C ALA B 103 14.58 14.42 3.41
N GLU B 104 15.75 14.66 3.97
CA GLU B 104 16.92 13.87 3.59
C GLU B 104 16.84 12.43 4.13
N LYS B 105 15.96 12.17 5.10
CA LYS B 105 15.96 10.92 5.88
C LYS B 105 14.56 10.25 5.94
N LYS B 106 13.75 10.47 4.91
CA LYS B 106 12.43 9.83 4.85
C LYS B 106 12.58 8.29 4.90
N GLY B 107 13.57 7.76 4.21
CA GLY B 107 13.91 6.33 4.20
C GLY B 107 14.09 5.77 5.61
N LEU B 108 14.94 6.44 6.38
CA LEU B 108 15.16 6.06 7.78
C LEU B 108 13.88 6.20 8.61
N PHE B 109 13.13 7.29 8.43
CA PHE B 109 11.85 7.44 9.09
C PHE B 109 10.92 6.24 8.78
N ASN B 110 10.79 5.89 7.51
CA ASN B 110 9.92 4.79 7.09
C ASN B 110 10.27 3.45 7.77
N GLN B 111 11.55 3.09 7.85
CA GLN B 111 11.94 1.79 8.46
C GLN B 111 11.74 1.87 9.99
N ALA B 112 12.11 3.01 10.58
CA ALA B 112 12.06 3.16 12.02
C ALA B 112 10.63 3.16 12.47
N ALA B 113 9.80 3.92 11.77
CA ALA B 113 8.40 3.96 12.10
C ALA B 113 7.75 2.57 11.86
N GLN B 114 8.06 1.90 10.76
CA GLN B 114 7.52 0.56 10.51
C GLN B 114 7.94 -0.52 11.52
N HIS B 115 9.16 -0.41 12.02
CA HIS B 115 9.68 -1.26 13.08
C HIS B 115 8.83 -1.10 14.35
N PHE B 116 8.65 0.15 14.77
CA PHE B 116 7.77 0.44 15.88
C PHE B 116 6.36 -0.06 15.60
N ASN B 117 5.79 0.33 14.46
CA ASN B 117 4.41 -0.04 14.15
C ASN B 117 4.18 -1.56 14.22
N HIS B 118 5.12 -2.33 13.64
CA HIS B 118 4.99 -3.78 13.62
C HIS B 118 5.19 -4.44 14.97
N THR B 119 6.14 -3.92 15.74
CA THR B 119 6.42 -4.40 17.08
C THR B 119 5.17 -4.21 17.89
N PHE B 120 4.55 -3.04 17.76
CA PHE B 120 3.31 -2.73 18.49
C PHE B 120 2.15 -3.64 18.06
N TYR B 121 1.93 -3.71 16.75
CA TYR B 121 0.86 -4.52 16.15
C TYR B 121 0.91 -5.96 16.57
N PHE B 122 2.07 -6.59 16.47
CA PHE B 122 2.17 -8.02 16.85
C PHE B 122 1.86 -8.24 18.34
N ARG B 123 2.08 -7.21 19.15
CA ARG B 123 1.76 -7.27 20.57
C ARG B 123 0.26 -7.06 20.82
N CYS B 124 -0.44 -6.53 19.82
CA CYS B 124 -1.88 -6.37 19.89
C CYS B 124 -2.63 -7.64 19.53
N ILE B 125 -1.92 -8.70 19.10
CA ILE B 125 -2.60 -9.96 18.84
C ILE B 125 -1.97 -11.13 19.59
N THR B 126 -2.79 -12.16 19.84
CA THR B 126 -2.39 -13.34 20.58
C THR B 126 -3.40 -14.47 20.30
N PRO B 127 -2.96 -15.75 20.26
CA PRO B 127 -3.91 -16.84 19.93
C PRO B 127 -5.15 -16.79 20.79
N ASN B 128 -6.31 -16.80 20.15
CA ASN B 128 -7.61 -16.78 20.84
C ASN B 128 -7.94 -15.48 21.58
N GLY B 129 -7.11 -14.47 21.44
CA GLY B 129 -7.31 -13.19 22.14
C GLY B 129 -7.26 -13.23 23.64
N LYS B 130 -7.39 -12.07 24.26
CA LYS B 130 -7.61 -11.95 25.67
C LYS B 130 -8.67 -10.91 25.95
N ALA B 131 -9.57 -11.22 26.88
CA ALA B 131 -10.69 -10.35 27.22
C ALA B 131 -10.27 -8.95 27.65
N MET B 132 -11.11 -7.97 27.31
CA MET B 132 -10.93 -6.63 27.82
C MET B 132 -10.98 -6.61 29.33
N PRO B 133 -9.96 -6.06 30.00
CA PRO B 133 -10.18 -5.85 31.45
C PRO B 133 -11.27 -4.80 31.62
N LYS B 134 -11.94 -4.84 32.77
CA LYS B 134 -13.11 -4.00 33.04
C LYS B 134 -12.76 -2.53 32.90
N SER B 135 -11.59 -2.15 33.35
CA SER B 135 -11.26 -0.77 33.40
C SER B 135 -11.12 -0.18 32.00
N PHE B 136 -10.54 -0.96 31.09
CA PHE B 136 -10.41 -0.52 29.69
C PHE B 136 -11.76 -0.57 28.98
N GLU B 137 -12.53 -1.63 29.21
CA GLU B 137 -13.86 -1.75 28.63
C GLU B 137 -14.72 -0.53 28.97
N SER B 138 -14.60 -0.07 30.21
CA SER B 138 -15.38 1.06 30.67
C SER B 138 -14.98 2.36 29.95
N ALA B 139 -13.69 2.54 29.74
CA ALA B 139 -13.24 3.71 29.02
C ALA B 139 -13.72 3.71 27.55
N VAL B 140 -13.76 2.54 26.90
CA VAL B 140 -14.37 2.42 25.55
C VAL B 140 -15.87 2.71 25.59
N THR B 141 -16.55 2.17 26.59
CA THR B 141 -18.00 2.26 26.64
C THR B 141 -18.43 3.67 26.90
N ALA B 142 -17.75 4.33 27.83
CA ALA B 142 -17.97 5.75 28.12
C ALA B 142 -17.74 6.65 26.89
N GLN B 143 -16.69 6.38 26.13
CA GLN B 143 -16.29 7.25 25.00
C GLN B 143 -17.15 7.01 23.76
N PHE B 144 -17.43 5.75 23.44
CA PHE B 144 -18.07 5.38 22.16
C PHE B 144 -19.50 4.90 22.33
N GLY B 145 -19.95 4.74 23.57
CA GLY B 145 -21.37 4.34 23.82
C GLY B 145 -21.49 2.86 24.09
N SER B 146 -20.74 2.04 23.32
CA SER B 146 -20.59 0.61 23.59
C SER B 146 -19.37 0.06 22.87
N VAL B 147 -18.92 -1.12 23.30
CA VAL B 147 -17.80 -1.79 22.63
C VAL B 147 -18.16 -2.03 21.14
N GLU B 148 -19.38 -2.49 20.86
CA GLU B 148 -19.82 -2.75 19.47
C GLU B 148 -19.84 -1.46 18.57
N GLN B 149 -20.21 -0.30 19.14
CA GLN B 149 -20.13 0.99 18.42
C GLN B 149 -18.69 1.39 18.15
N PHE B 150 -17.79 1.16 19.14
CA PHE B 150 -16.39 1.39 18.93
C PHE B 150 -15.89 0.49 17.79
N LYS B 151 -16.20 -0.81 17.83
CA LYS B 151 -15.69 -1.73 16.82
C LYS B 151 -16.15 -1.34 15.44
N ASP B 152 -17.42 -0.97 15.33
CA ASP B 152 -17.98 -0.58 14.05
C ASP B 152 -17.27 0.66 13.47
N ALA B 153 -17.03 1.65 14.31
CA ALA B 153 -16.32 2.85 13.87
C ALA B 153 -14.88 2.52 13.49
N PHE B 154 -14.27 1.57 14.19
CA PHE B 154 -12.86 1.21 13.91
C PHE B 154 -12.75 0.45 12.57
N VAL B 155 -13.65 -0.51 12.36
CA VAL B 155 -13.74 -1.21 11.08
C VAL B 155 -14.01 -0.23 9.93
N GLN B 156 -14.91 0.73 10.11
CA GLN B 156 -15.16 1.76 9.07
C GLN B 156 -13.87 2.51 8.68
N ALA B 157 -13.12 2.91 9.68
CA ALA B 157 -11.87 3.60 9.43
C ALA B 157 -10.86 2.69 8.74
N GLY B 158 -10.79 1.44 9.16
CA GLY B 158 -9.84 0.49 8.54
C GLY B 158 -10.17 0.22 7.07
N VAL B 159 -11.46 0.01 6.79
CA VAL B 159 -11.93 -0.22 5.42
C VAL B 159 -11.68 0.99 4.52
N ASN B 160 -11.86 2.20 5.04
CA ASN B 160 -11.74 3.42 4.22
C ASN B 160 -10.31 4.00 4.25
N ASN B 161 -9.37 3.29 4.90
CA ASN B 161 -7.99 3.72 4.92
C ASN B 161 -7.35 3.41 3.56
N PHE B 162 -7.27 4.43 2.71
CA PHE B 162 -6.89 4.22 1.31
C PHE B 162 -5.39 3.89 1.17
N GLY B 163 -5.12 2.83 0.41
CA GLY B 163 -3.76 2.38 0.14
C GLY B 163 -3.19 1.60 1.33
N SER B 164 -1.87 1.69 1.50
CA SER B 164 -1.21 1.04 2.64
C SER B 164 -1.30 1.96 3.87
N GLY B 165 -1.42 1.35 5.04
CA GLY B 165 -1.44 2.11 6.26
C GLY B 165 -1.80 1.35 7.50
N TRP B 166 -2.23 2.11 8.51
CA TRP B 166 -2.49 1.57 9.82
C TRP B 166 -3.72 2.25 10.36
N THR B 167 -4.58 1.50 11.08
CA THR B 167 -5.70 2.10 11.79
C THR B 167 -5.45 1.92 13.30
N TRP B 168 -5.62 2.99 14.05
CA TRP B 168 -5.23 3.03 15.46
C TRP B 168 -6.34 3.47 16.39
N LEU B 169 -6.25 3.03 17.65
CA LEU B 169 -7.00 3.63 18.74
C LEU B 169 -5.96 4.25 19.65
N CYS B 170 -6.09 5.54 19.95
CA CYS B 170 -5.09 6.29 20.69
C CYS B 170 -5.74 7.06 21.83
N VAL B 171 -4.92 7.37 22.83
CA VAL B 171 -5.22 8.34 23.85
C VAL B 171 -4.72 9.69 23.33
N ASP B 172 -5.53 10.72 23.54
CA ASP B 172 -5.16 12.05 23.20
C ASP B 172 -4.99 12.87 24.49
N PRO B 173 -3.74 13.06 24.91
CA PRO B 173 -3.48 13.81 26.16
C PRO B 173 -3.92 15.25 26.08
N SER B 174 -3.98 15.83 24.90
CA SER B 174 -4.46 17.23 24.78
C SER B 174 -5.97 17.36 24.90
N ASN B 175 -6.67 16.24 25.07
CA ASN B 175 -8.14 16.22 25.07
C ASN B 175 -8.68 15.37 26.19
N LYS B 176 -8.22 15.64 27.40
CA LYS B 176 -8.61 14.90 28.60
C LYS B 176 -8.44 13.41 28.42
N ASN B 177 -7.36 13.00 27.76
CA ASN B 177 -7.06 11.60 27.56
C ASN B 177 -8.16 10.78 26.84
N GLN B 178 -9.01 11.46 26.06
CA GLN B 178 -10.05 10.78 25.31
C GLN B 178 -9.44 9.79 24.34
N LEU B 179 -10.13 8.69 24.16
CA LEU B 179 -9.77 7.67 23.19
C LEU B 179 -10.23 8.14 21.84
N VAL B 180 -9.38 7.99 20.84
CA VAL B 180 -9.69 8.49 19.51
C VAL B 180 -9.18 7.49 18.45
N ILE B 181 -9.95 7.30 17.40
CA ILE B 181 -9.53 6.46 16.26
C ILE B 181 -8.77 7.34 15.28
N ASP B 182 -7.66 6.83 14.77
CA ASP B 182 -6.78 7.59 13.89
C ASP B 182 -6.21 6.68 12.78
N ASN B 183 -6.30 7.15 11.55
CA ASN B 183 -5.75 6.46 10.39
C ASN B 183 -4.43 7.12 10.02
N THR B 184 -3.42 6.31 9.76
CA THR B 184 -2.19 6.79 9.15
C THR B 184 -1.92 6.08 7.82
N SER B 185 -1.15 6.73 6.97
CA SER B 185 -0.77 6.21 5.66
C SER B 185 0.67 5.74 5.70
N ASN B 186 0.92 4.62 5.06
CA ASN B 186 2.28 4.08 4.87
C ASN B 186 2.98 3.81 6.22
N ALA B 187 4.01 4.56 6.57
CA ALA B 187 4.71 4.37 7.86
C ALA B 187 4.26 5.32 8.94
N GLY B 188 3.24 6.12 8.61
CA GLY B 188 2.72 7.14 9.51
C GLY B 188 2.50 6.60 10.92
N CYS B 189 2.99 7.35 11.90
CA CYS B 189 3.08 6.88 13.29
C CYS B 189 2.55 8.01 14.24
N PRO B 190 1.48 7.71 15.00
CA PRO B 190 0.69 8.69 15.77
C PRO B 190 1.52 9.59 16.70
N LEU B 191 2.64 9.10 17.22
CA LEU B 191 3.45 9.93 18.14
C LEU B 191 3.89 11.23 17.49
N THR B 192 4.05 11.24 16.16
CA THR B 192 4.38 12.49 15.49
C THR B 192 3.22 13.52 15.61
N LYS B 193 1.99 13.06 15.88
CA LYS B 193 0.82 13.92 16.14
C LYS B 193 0.64 14.24 17.61
N GLY B 194 1.44 13.64 18.49
CA GLY B 194 1.22 13.78 19.92
C GLY B 194 0.25 12.78 20.52
N LEU B 195 -0.23 11.84 19.70
CA LEU B 195 -1.16 10.84 20.17
C LEU B 195 -0.40 9.62 20.68
N ARG B 196 -1.01 8.92 21.65
CA ARG B 196 -0.42 7.74 22.31
C ARG B 196 -1.22 6.47 21.96
N PRO B 197 -0.66 5.60 21.11
CA PRO B 197 -1.39 4.42 20.64
C PRO B 197 -1.66 3.40 21.72
N VAL B 198 -2.85 2.81 21.71
CA VAL B 198 -3.14 1.68 22.56
C VAL B 198 -3.44 0.40 21.75
N LEU B 199 -3.84 0.61 20.49
CA LEU B 199 -4.15 -0.49 19.56
C LEU B 199 -3.78 -0.10 18.13
N ALA B 200 -3.14 -1.01 17.39
CA ALA B 200 -2.89 -0.84 15.98
C ALA B 200 -3.38 -2.03 15.18
N VAL B 201 -3.96 -1.76 14.01
CA VAL B 201 -4.27 -2.78 13.03
C VAL B 201 -3.67 -2.39 11.70
N ASP B 202 -2.77 -3.25 11.21
CA ASP B 202 -2.05 -3.04 9.97
C ASP B 202 -3.06 -3.22 8.84
N VAL B 203 -3.17 -2.25 7.94
CA VAL B 203 -3.99 -2.46 6.72
C VAL B 203 -3.16 -2.44 5.43
N TRP B 204 -1.83 -2.48 5.55
CA TRP B 204 -1.01 -2.85 4.39
C TRP B 204 -1.54 -4.18 3.93
N GLU B 205 -1.68 -4.34 2.63
CA GLU B 205 -2.31 -5.52 2.10
C GLU B 205 -1.57 -6.78 2.54
N HIS B 206 -0.25 -6.70 2.70
CA HIS B 206 0.51 -7.86 3.17
C HIS B 206 0.10 -8.40 4.51
N ALA B 207 -0.63 -7.63 5.30
CA ALA B 207 -1.05 -8.12 6.64
C ALA B 207 -2.14 -9.17 6.56
N TYR B 208 -2.94 -9.12 5.52
CA TYR B 208 -4.09 -10.01 5.38
C TYR B 208 -4.21 -10.78 4.06
N TYR B 209 -3.35 -10.49 3.07
CA TYR B 209 -3.59 -10.98 1.73
C TYR B 209 -3.41 -12.49 1.60
N LYS B 210 -2.53 -13.08 2.42
CA LYS B 210 -2.32 -14.55 2.35
C LYS B 210 -3.60 -15.29 2.81
N ASP B 211 -4.19 -14.85 3.90
CA ASP B 211 -5.34 -15.52 4.49
C ASP B 211 -6.66 -14.94 3.97
N PHE B 212 -6.67 -13.68 3.53
CA PHE B 212 -7.93 -13.03 3.17
C PHE B 212 -8.01 -12.55 1.74
N GLU B 213 -6.91 -12.61 1.00
CA GLU B 213 -6.83 -12.05 -0.34
C GLU B 213 -7.34 -10.60 -0.29
N ASN B 214 -8.25 -10.21 -1.18
CA ASN B 214 -8.78 -8.85 -1.21
C ASN B 214 -9.72 -8.44 -0.06
N ARG B 215 -10.11 -9.38 0.80
CA ARG B 215 -11.23 -9.15 1.68
C ARG B 215 -10.75 -8.46 2.98
N ARG B 216 -10.32 -7.20 2.87
CA ARG B 216 -9.92 -6.42 4.03
C ARG B 216 -11.03 -6.31 5.05
N PRO B 217 -12.28 -6.12 4.59
CA PRO B 217 -13.32 -6.01 5.62
C PRO B 217 -13.51 -7.29 6.47
N ASP B 218 -13.32 -8.48 5.90
CA ASP B 218 -13.43 -9.72 6.69
C ASP B 218 -12.25 -9.82 7.70
N TYR B 219 -11.06 -9.46 7.24
CA TYR B 219 -9.87 -9.35 8.09
C TYR B 219 -10.12 -8.45 9.27
N LEU B 220 -10.63 -7.23 9.03
CA LEU B 220 -10.93 -6.30 10.13
C LEU B 220 -11.94 -6.85 11.15
N LYS B 221 -12.94 -7.59 10.68
CA LYS B 221 -13.94 -8.13 11.57
C LYS B 221 -13.39 -9.30 12.36
N GLU B 222 -12.62 -10.15 11.70
CA GLU B 222 -12.19 -11.42 12.29
C GLU B 222 -11.08 -11.18 13.30
N ILE B 223 -10.25 -10.15 13.07
CA ILE B 223 -9.11 -9.87 13.97
C ILE B 223 -9.48 -9.57 15.43
N TRP B 224 -10.72 -9.08 15.66
CA TRP B 224 -11.23 -8.85 17.00
C TRP B 224 -11.08 -10.10 17.88
N SER B 225 -11.22 -11.27 17.30
CA SER B 225 -11.14 -12.45 18.15
C SER B 225 -9.70 -12.86 18.50
N VAL B 226 -8.67 -12.20 17.94
CA VAL B 226 -7.33 -12.43 18.44
C VAL B 226 -6.66 -11.20 19.08
N ILE B 227 -7.45 -10.16 19.38
CA ILE B 227 -6.81 -8.98 19.96
C ILE B 227 -6.48 -9.30 21.39
N ASP B 228 -5.28 -8.90 21.80
CA ASP B 228 -4.84 -9.02 23.18
C ASP B 228 -5.21 -7.73 23.89
N TRP B 229 -6.41 -7.72 24.42
CA TRP B 229 -6.93 -6.57 25.11
C TRP B 229 -6.19 -6.27 26.42
N GLU B 230 -5.42 -7.24 26.93
CA GLU B 230 -4.62 -6.96 28.13
C GLU B 230 -3.44 -6.07 27.80
N PHE B 231 -2.77 -6.35 26.68
CA PHE B 231 -1.74 -5.45 26.19
C PHE B 231 -2.31 -4.08 25.86
N VAL B 232 -3.43 -4.05 25.14
CA VAL B 232 -4.07 -2.78 24.85
C VAL B 232 -4.36 -2.01 26.15
N ALA B 233 -4.95 -2.68 27.15
CA ALA B 233 -5.28 -2.04 28.41
C ALA B 233 -4.04 -1.48 29.14
N LYS B 234 -2.95 -2.25 29.18
CA LYS B 234 -1.69 -1.79 29.76
C LYS B 234 -1.20 -0.53 29.05
N MET B 235 -1.25 -0.51 27.71
CA MET B 235 -0.85 0.67 26.96
C MET B 235 -1.77 1.84 27.33
N HIS B 236 -3.04 1.56 27.54
CA HIS B 236 -3.99 2.60 27.92
C HIS B 236 -3.65 3.13 29.31
N ALA B 237 -3.42 2.22 30.26
CA ALA B 237 -3.11 2.59 31.67
C ALA B 237 -1.88 3.48 31.74
N GLN B 238 -0.84 3.10 31.01
CA GLN B 238 0.39 3.91 30.97
C GLN B 238 0.17 5.26 30.26
N ALA B 239 -0.61 5.27 29.21
CA ALA B 239 -0.84 6.50 28.44
C ALA B 239 -1.62 7.61 29.20
N ILE B 240 -2.49 7.20 30.12
CA ILE B 240 -3.26 8.14 30.92
C ILE B 240 -2.60 8.51 32.28
N LYS B 241 -1.57 7.79 32.71
CA LYS B 241 -0.93 8.01 34.00
C LYS B 241 -0.41 9.44 34.10
#